data_1BN5
#
_entry.id   1BN5
#
_cell.length_a   90.490
_cell.length_b   99.380
_cell.length_c   101.590
_cell.angle_alpha   90.00
_cell.angle_beta   90.00
_cell.angle_gamma   90.00
#
_symmetry.space_group_name_H-M   'C 2 2 21'
#
loop_
_entity.id
_entity.type
_entity.pdbx_description
1 polymer 'METHIONINE AMINOPEPTIDASE'
2 non-polymer 'COBALT (II) ION'
3 non-polymer 'TERTIARY-BUTYL ALCOHOL'
4 water water
#
_entity_poly.entity_id   1
_entity_poly.type   'polypeptide(L)'
_entity_poly.pdbx_seq_one_letter_code
;MAGVEEVAASGSHLNGDLDPDDREEGAASTAEEAAKKKRRKKKKSKGPSAAGEQEPDKESGASVDEVARQLERSALEDKE
RDEDDEDGDGDGDGATGKKKKKKKKKRGPKVQTDPPSVPICDLYPNGVFPKGQECEYPPTQDGRTAAWRTTSEEKKALDQ
ASEEIWNDFREAAEAHRQVRKYVMSWIKPGMTMIEICEKLEDCSRKLIKENGLNAGLAFPTGCSLNNCAAHYTPNAGDTT
VLQYDDICKIDFGTHISGRIIDCAFTVTFNPKYDTLLKAVKDATNTGIKCAGIDVRLCDVGEAIQEVMESYEVEIDGKTY
QVKPIRNLNGHSIGQYRIHAGKTVPIIKGGEATRMEEGEVYAIETFGSTGKGVVHDDMECSHYMKNFDVGHVPIRLPRTK
HLLNVINENFGTLAFCRRWLDRLGESKYLMALKNLCDLGIVDPYPPLCDIKGSYTAQFEHTILLRPTCKEVVSRGDDY
;
_entity_poly.pdbx_strand_id   A
#
loop_
_chem_comp.id
_chem_comp.type
_chem_comp.name
_chem_comp.formula
CO non-polymer 'COBALT (II) ION' 'Co 2'
TBU non-polymer 'TERTIARY-BUTYL ALCOHOL' 'C4 H10 O'
#
# COMPACT_ATOMS: atom_id res chain seq x y z
N LYS A 110 23.07 9.10 -14.76
CA LYS A 110 24.05 8.03 -14.53
C LYS A 110 23.39 6.67 -14.73
N VAL A 111 24.08 5.60 -14.23
CA VAL A 111 23.41 4.33 -13.96
C VAL A 111 23.12 4.26 -12.47
N GLN A 112 22.21 3.40 -12.03
CA GLN A 112 21.88 3.34 -10.61
C GLN A 112 23.01 2.75 -9.79
N THR A 113 23.16 3.16 -8.53
CA THR A 113 24.23 2.65 -7.68
C THR A 113 23.83 1.40 -6.92
N ASP A 114 24.80 0.74 -6.30
CA ASP A 114 24.72 -0.61 -5.72
C ASP A 114 23.62 -0.64 -4.65
N PRO A 115 23.91 -0.15 -3.46
CA PRO A 115 22.83 0.38 -2.61
C PRO A 115 22.33 1.64 -3.32
N PRO A 116 21.03 1.68 -3.62
CA PRO A 116 20.52 2.71 -4.52
C PRO A 116 20.58 4.09 -3.89
N SER A 117 21.04 5.09 -4.67
CA SER A 117 21.07 6.45 -4.16
C SER A 117 20.75 7.51 -5.22
N VAL A 118 20.72 7.17 -6.49
CA VAL A 118 20.39 8.13 -7.55
C VAL A 118 18.88 8.25 -7.75
N PRO A 119 18.32 9.43 -7.63
CA PRO A 119 16.89 9.63 -7.86
C PRO A 119 16.44 9.12 -9.20
N ILE A 120 15.22 8.57 -9.29
CA ILE A 120 14.69 8.12 -10.57
C ILE A 120 14.69 9.24 -11.61
N CYS A 121 14.38 10.47 -11.18
CA CYS A 121 14.33 11.56 -12.17
C CYS A 121 15.68 11.87 -12.79
N ASP A 122 16.81 11.56 -12.16
CA ASP A 122 18.14 11.69 -12.72
C ASP A 122 18.59 10.54 -13.61
N LEU A 123 17.91 9.41 -13.53
CA LEU A 123 18.14 8.25 -14.39
C LEU A 123 17.43 8.38 -15.73
N TYR A 124 16.37 9.17 -15.81
CA TYR A 124 15.55 9.41 -16.96
C TYR A 124 15.45 10.92 -17.20
N PRO A 125 16.48 11.48 -17.81
CA PRO A 125 16.70 12.91 -17.85
C PRO A 125 15.64 13.72 -18.58
N ASN A 126 15.00 13.15 -19.58
CA ASN A 126 13.99 13.76 -20.41
C ASN A 126 12.59 13.76 -19.80
N GLY A 127 12.45 13.23 -18.59
CA GLY A 127 11.20 13.34 -17.85
C GLY A 127 10.19 12.29 -18.32
N VAL A 128 10.64 11.31 -19.08
CA VAL A 128 9.74 10.28 -19.61
C VAL A 128 10.08 8.96 -18.93
N PHE A 129 9.12 8.37 -18.17
CA PHE A 129 9.50 7.20 -17.37
C PHE A 129 8.91 5.91 -17.95
N PRO A 130 9.45 4.77 -17.56
CA PRO A 130 9.08 3.49 -18.18
C PRO A 130 7.64 3.08 -17.96
N LYS A 131 6.91 2.60 -18.96
CA LYS A 131 5.56 2.09 -18.76
C LYS A 131 5.58 0.81 -17.94
N GLY A 132 4.46 0.56 -17.24
CA GLY A 132 4.30 -0.77 -16.63
C GLY A 132 3.75 -1.76 -17.68
N GLN A 133 3.21 -2.87 -17.21
CA GLN A 133 2.64 -3.86 -18.14
C GLN A 133 1.34 -3.36 -18.75
N GLU A 134 1.23 -3.27 -20.09
CA GLU A 134 0.03 -2.81 -20.76
C GLU A 134 -0.78 -4.00 -21.28
N CYS A 135 -2.07 -3.97 -21.07
CA CYS A 135 -2.94 -5.10 -21.33
C CYS A 135 -4.17 -4.66 -22.11
N GLU A 136 -4.56 -5.45 -23.13
CA GLU A 136 -5.89 -5.19 -23.69
C GLU A 136 -6.98 -5.46 -22.64
N TYR A 137 -8.04 -4.71 -22.62
CA TYR A 137 -9.19 -4.94 -21.76
C TYR A 137 -9.91 -6.24 -22.10
N PRO A 138 -10.39 -6.83 -20.92
CA PRO A 138 -11.08 -8.12 -21.12
C PRO A 138 -12.21 -7.97 -22.13
N GLU A 153 -7.98 6.46 -32.09
CA GLU A 153 -9.02 7.41 -32.50
C GLU A 153 -9.11 8.58 -31.52
N GLU A 154 -10.34 8.83 -31.09
CA GLU A 154 -10.71 9.78 -30.06
C GLU A 154 -10.18 9.31 -28.69
N LYS A 155 -10.18 7.99 -28.48
CA LYS A 155 -9.71 7.49 -27.19
C LYS A 155 -8.20 7.57 -27.08
N LYS A 156 -7.48 7.47 -28.19
CA LYS A 156 -6.03 7.65 -28.18
C LYS A 156 -5.64 9.10 -27.94
N ALA A 157 -6.49 10.03 -28.40
CA ALA A 157 -6.31 11.44 -28.11
C ALA A 157 -6.59 11.72 -26.63
N LEU A 158 -7.63 11.10 -26.10
CA LEU A 158 -8.00 11.22 -24.70
C LEU A 158 -6.91 10.64 -23.79
N ASP A 159 -6.28 9.55 -24.18
CA ASP A 159 -5.18 8.96 -23.43
C ASP A 159 -3.96 9.85 -23.39
N GLN A 160 -3.58 10.41 -24.55
CA GLN A 160 -2.41 11.26 -24.68
C GLN A 160 -2.57 12.57 -23.95
N ALA A 161 -3.79 13.04 -23.80
CA ALA A 161 -4.10 14.28 -23.08
C ALA A 161 -3.74 14.20 -21.60
N SER A 162 -3.77 13.00 -21.03
CA SER A 162 -3.39 12.85 -19.62
C SER A 162 -2.02 12.26 -19.43
N GLU A 163 -1.16 12.35 -20.45
CA GLU A 163 0.17 11.76 -20.40
C GLU A 163 1.02 12.25 -19.24
N GLU A 164 0.93 13.54 -18.86
CA GLU A 164 1.69 14.01 -17.70
C GLU A 164 1.27 13.26 -16.44
N ILE A 165 0.01 12.92 -16.26
CA ILE A 165 -0.45 12.16 -15.10
C ILE A 165 0.09 10.73 -15.10
N TRP A 166 0.06 10.05 -16.25
CA TRP A 166 0.52 8.67 -16.32
C TRP A 166 2.00 8.63 -16.00
N ASN A 167 2.74 9.63 -16.51
CA ASN A 167 4.15 9.72 -16.33
C ASN A 167 4.54 9.93 -14.87
N ASP A 168 3.75 10.72 -14.14
CA ASP A 168 3.96 10.87 -12.70
C ASP A 168 3.75 9.54 -11.96
N PHE A 169 2.70 8.79 -12.30
CA PHE A 169 2.55 7.45 -11.70
C PHE A 169 3.73 6.56 -12.03
N ARG A 170 4.25 6.61 -13.30
CA ARG A 170 5.37 5.76 -13.68
C ARG A 170 6.66 6.08 -12.96
N GLU A 171 6.95 7.37 -12.68
CA GLU A 171 8.10 7.77 -11.91
C GLU A 171 8.01 7.18 -10.48
N ALA A 172 6.80 7.29 -9.92
CA ALA A 172 6.61 6.75 -8.56
C ALA A 172 6.74 5.23 -8.58
N ALA A 173 6.27 4.58 -9.64
CA ALA A 173 6.35 3.11 -9.72
C ALA A 173 7.76 2.60 -9.91
N GLU A 174 8.57 3.36 -10.69
CA GLU A 174 9.97 2.92 -10.84
C GLU A 174 10.69 3.09 -9.52
N ALA A 175 10.39 4.10 -8.70
CA ALA A 175 10.99 4.23 -7.39
C ALA A 175 10.58 2.99 -6.55
N HIS A 176 9.31 2.63 -6.63
CA HIS A 176 8.83 1.48 -5.84
C HIS A 176 9.52 0.20 -6.25
N ARG A 177 9.69 -0.05 -7.55
CA ARG A 177 10.39 -1.20 -8.05
C ARG A 177 11.82 -1.26 -7.52
N GLN A 178 12.56 -0.14 -7.60
CA GLN A 178 13.96 -0.14 -7.17
C GLN A 178 14.11 -0.26 -5.66
N VAL A 179 13.23 0.35 -4.90
CA VAL A 179 13.27 0.23 -3.42
C VAL A 179 13.03 -1.23 -3.00
N ARG A 180 11.93 -1.81 -3.48
CA ARG A 180 11.61 -3.18 -3.05
C ARG A 180 12.63 -4.22 -3.45
N LYS A 181 13.27 -4.08 -4.65
CA LYS A 181 14.39 -4.96 -4.99
C LYS A 181 15.53 -4.91 -3.99
N TYR A 182 15.87 -3.70 -3.55
CA TYR A 182 16.90 -3.46 -2.54
C TYR A 182 16.51 -4.08 -1.21
N VAL A 183 15.27 -3.83 -0.81
CA VAL A 183 14.75 -4.45 0.43
C VAL A 183 14.87 -5.97 0.39
N MET A 184 14.49 -6.63 -0.70
CA MET A 184 14.53 -8.09 -0.76
C MET A 184 15.97 -8.60 -0.61
N SER A 185 16.95 -7.78 -0.96
CA SER A 185 18.35 -8.15 -0.86
C SER A 185 18.87 -8.22 0.57
N TRP A 186 18.29 -7.52 1.54
CA TRP A 186 18.89 -7.43 2.86
C TRP A 186 17.93 -7.79 3.98
N ILE A 187 16.61 -7.86 3.70
CA ILE A 187 15.73 -8.12 4.87
C ILE A 187 15.95 -9.54 5.40
N LYS A 188 16.18 -9.63 6.72
CA LYS A 188 16.57 -10.92 7.33
C LYS A 188 16.08 -10.95 8.75
N PRO A 189 15.77 -12.17 9.27
CA PRO A 189 15.49 -12.34 10.68
C PRO A 189 16.69 -11.86 11.49
N GLY A 190 16.38 -11.34 12.67
CA GLY A 190 17.38 -10.76 13.57
C GLY A 190 17.34 -9.23 13.47
N MET A 191 16.89 -8.65 12.37
CA MET A 191 16.71 -7.19 12.34
C MET A 191 15.50 -6.75 13.14
N THR A 192 15.57 -5.56 13.74
CA THR A 192 14.34 -5.08 14.40
C THR A 192 13.39 -4.53 13.35
N MET A 193 12.09 -4.45 13.70
CA MET A 193 11.17 -3.87 12.69
C MET A 193 11.50 -2.40 12.44
N ILE A 194 11.92 -1.67 13.49
CA ILE A 194 12.34 -0.28 13.29
C ILE A 194 13.51 -0.18 12.33
N GLU A 195 14.55 -1.02 12.50
CA GLU A 195 15.67 -1.00 11.55
C GLU A 195 15.23 -1.24 10.12
N ILE A 196 14.30 -2.18 9.90
CA ILE A 196 13.83 -2.53 8.55
C ILE A 196 13.09 -1.31 7.97
N CYS A 197 12.18 -0.75 8.77
CA CYS A 197 11.40 0.39 8.23
C CYS A 197 12.28 1.61 7.94
N GLU A 198 13.26 1.84 8.79
CA GLU A 198 14.07 3.08 8.58
C GLU A 198 14.96 2.92 7.37
N LYS A 199 15.52 1.72 7.17
CA LYS A 199 16.39 1.45 6.04
C LYS A 199 15.61 1.50 4.74
N LEU A 200 14.38 0.97 4.72
CA LEU A 200 13.53 1.10 3.54
C LEU A 200 13.15 2.55 3.23
N GLU A 201 12.73 3.30 4.25
CA GLU A 201 12.22 4.65 4.03
C GLU A 201 13.34 5.60 3.64
N ASP A 202 14.53 5.36 4.20
CA ASP A 202 15.70 6.14 3.76
C ASP A 202 15.95 6.04 2.26
N CYS A 203 15.90 4.83 1.71
CA CYS A 203 16.05 4.62 0.29
C CYS A 203 14.91 5.20 -0.53
N SER A 204 13.67 5.05 -0.08
CA SER A 204 12.51 5.58 -0.79
C SER A 204 12.61 7.11 -0.87
N ARG A 205 13.00 7.77 0.21
CA ARG A 205 13.13 9.25 0.17
C ARG A 205 14.18 9.68 -0.85
N LYS A 206 15.29 8.94 -0.89
CA LYS A 206 16.32 9.24 -1.90
C LYS A 206 15.87 9.05 -3.32
N LEU A 207 15.22 7.92 -3.64
CA LEU A 207 14.91 7.61 -5.03
C LEU A 207 13.72 8.40 -5.54
N ILE A 208 12.78 8.78 -4.67
CA ILE A 208 11.65 9.61 -5.07
C ILE A 208 12.02 11.08 -5.12
N LYS A 209 13.17 11.43 -4.58
CA LYS A 209 13.71 12.77 -4.50
C LYS A 209 12.74 13.64 -3.70
N GLU A 210 12.55 13.24 -2.43
CA GLU A 210 11.51 13.84 -1.60
C GLU A 210 11.50 15.37 -1.66
N ASN A 211 10.32 15.97 -1.84
CA ASN A 211 10.23 17.44 -1.94
C ASN A 211 8.85 17.86 -1.45
N GLY A 212 8.70 17.99 -0.13
CA GLY A 212 7.46 18.40 0.49
C GLY A 212 6.29 17.57 -0.02
N LEU A 213 5.21 18.20 -0.45
CA LEU A 213 4.05 17.47 -0.95
C LEU A 213 4.09 17.29 -2.46
N ASN A 214 5.17 17.67 -3.14
CA ASN A 214 5.32 17.43 -4.56
C ASN A 214 5.88 16.06 -4.94
N ALA A 215 6.62 15.46 -4.02
CA ALA A 215 7.17 14.12 -4.22
C ALA A 215 7.45 13.56 -2.81
N GLY A 216 7.13 12.27 -2.60
CA GLY A 216 7.51 11.77 -1.27
C GLY A 216 6.89 10.39 -1.01
N LEU A 217 6.77 10.13 0.30
CA LEU A 217 6.24 8.82 0.72
C LEU A 217 4.73 8.98 0.85
N ALA A 218 3.93 8.08 0.30
CA ALA A 218 2.47 8.34 0.29
C ALA A 218 1.81 7.88 1.59
N PHE A 219 2.45 6.91 2.26
CA PHE A 219 1.92 6.37 3.52
C PHE A 219 3.01 5.51 4.19
N PRO A 220 2.86 5.27 5.50
CA PRO A 220 3.90 4.63 6.29
C PRO A 220 4.20 3.21 5.83
N THR A 221 5.42 2.74 6.07
CA THR A 221 5.79 1.37 5.72
C THR A 221 5.10 0.33 6.58
N GLY A 222 4.14 -0.39 6.00
CA GLY A 222 3.57 -1.54 6.74
C GLY A 222 4.56 -2.70 6.75
N CYS A 223 4.65 -3.40 7.88
CA CYS A 223 5.50 -4.58 8.03
C CYS A 223 4.78 -5.58 8.92
N SER A 224 3.46 -5.72 8.69
CA SER A 224 2.61 -6.49 9.61
C SER A 224 2.98 -7.98 9.65
N LEU A 225 2.93 -8.57 10.86
CA LEU A 225 3.49 -9.92 11.06
C LEU A 225 2.39 -10.96 11.37
N ASN A 226 2.52 -12.13 10.76
CA ASN A 226 1.79 -13.34 11.21
C ASN A 226 0.28 -13.20 11.11
N ASN A 227 -0.48 -13.18 12.18
CA ASN A 227 -1.94 -13.01 12.12
C ASN A 227 -2.29 -11.56 11.79
N CYS A 228 -1.36 -10.62 12.01
CA CYS A 228 -1.67 -9.22 11.62
C CYS A 228 -1.52 -9.06 10.13
N ALA A 229 -2.57 -8.52 9.48
CA ALA A 229 -2.55 -8.48 8.01
C ALA A 229 -2.16 -7.10 7.49
N ALA A 230 -2.39 -6.03 8.23
CA ALA A 230 -2.23 -4.70 7.67
C ALA A 230 -2.14 -3.63 8.77
N HIS A 231 -1.54 -2.51 8.43
CA HIS A 231 -1.55 -1.29 9.25
C HIS A 231 -0.72 -1.35 10.52
N TYR A 232 0.24 -2.27 10.62
CA TYR A 232 1.27 -2.23 11.66
C TYR A 232 2.54 -1.60 11.05
N THR A 233 3.03 -0.59 11.75
CA THR A 233 4.44 -0.17 11.60
C THR A 233 4.88 0.17 13.02
N PRO A 234 6.15 -0.03 13.38
CA PRO A 234 6.53 0.18 14.77
C PRO A 234 6.47 1.64 15.19
N ASN A 235 6.04 1.90 16.44
CA ASN A 235 6.28 3.22 17.04
C ASN A 235 7.62 3.24 17.79
N ALA A 236 8.03 4.44 18.21
CA ALA A 236 9.24 4.61 19.00
C ALA A 236 9.30 3.63 20.16
N GLY A 237 10.45 2.99 20.37
CA GLY A 237 10.61 2.07 21.49
C GLY A 237 10.25 0.61 21.24
N ASP A 238 9.58 0.31 20.13
CA ASP A 238 9.17 -1.08 19.83
C ASP A 238 10.39 -1.98 19.67
N THR A 239 10.49 -3.04 20.49
CA THR A 239 11.67 -3.90 20.40
C THR A 239 11.47 -5.14 19.53
N THR A 240 10.35 -5.20 18.82
CA THR A 240 10.06 -6.38 17.99
C THR A 240 11.16 -6.72 17.00
N VAL A 241 11.56 -8.00 17.02
CA VAL A 241 12.58 -8.51 16.08
C VAL A 241 11.99 -9.49 15.09
N LEU A 242 12.35 -9.38 13.81
CA LEU A 242 11.88 -10.27 12.78
C LEU A 242 12.43 -11.69 12.98
N GLN A 243 11.55 -12.69 12.93
CA GLN A 243 11.97 -14.08 13.19
C GLN A 243 11.95 -14.93 11.94
N TYR A 244 12.63 -16.10 11.97
CA TYR A 244 12.73 -17.01 10.84
C TYR A 244 11.36 -17.52 10.39
N ASP A 245 10.47 -17.83 11.34
CA ASP A 245 9.13 -18.29 11.02
C ASP A 245 8.09 -17.19 10.80
N ASP A 246 8.51 -15.94 10.72
CA ASP A 246 7.50 -14.88 10.54
C ASP A 246 7.04 -14.79 9.10
N ILE A 247 5.77 -14.35 8.89
CA ILE A 247 5.32 -13.96 7.53
C ILE A 247 4.98 -12.46 7.57
N CYS A 248 5.77 -11.68 6.85
CA CYS A 248 5.77 -10.20 7.00
C CYS A 248 5.23 -9.54 5.74
N LYS A 249 4.21 -8.69 5.87
CA LYS A 249 3.68 -8.01 4.68
C LYS A 249 4.31 -6.63 4.58
N ILE A 250 5.10 -6.43 3.55
CA ILE A 250 5.76 -5.15 3.27
C ILE A 250 4.87 -4.34 2.29
N ASP A 251 4.30 -3.27 2.82
CA ASP A 251 3.33 -2.46 2.05
C ASP A 251 3.76 -1.00 2.16
N PHE A 252 4.20 -0.41 1.03
CA PHE A 252 4.74 0.96 1.20
C PHE A 252 4.38 1.72 -0.08
N GLY A 253 4.31 3.03 0.06
CA GLY A 253 3.77 3.83 -1.02
C GLY A 253 4.65 5.04 -1.36
N THR A 254 4.67 5.33 -2.66
CA THR A 254 5.42 6.48 -3.16
C THR A 254 4.45 7.37 -3.94
N HIS A 255 4.76 8.66 -4.09
CA HIS A 255 3.93 9.47 -5.00
C HIS A 255 4.78 10.57 -5.65
N ILE A 256 4.30 10.97 -6.82
CA ILE A 256 4.74 12.24 -7.43
C ILE A 256 3.52 13.08 -7.67
N SER A 257 3.49 14.34 -7.23
CA SER A 257 2.37 15.24 -7.34
C SER A 257 1.06 14.63 -6.88
N GLY A 258 1.06 13.75 -5.85
CA GLY A 258 -0.17 13.19 -5.35
C GLY A 258 -0.63 11.96 -6.15
N ARG A 259 0.11 11.58 -7.17
CA ARG A 259 -0.23 10.36 -7.94
C ARG A 259 0.42 9.18 -7.21
N ILE A 260 -0.37 8.32 -6.58
CA ILE A 260 0.12 7.39 -5.56
C ILE A 260 0.27 5.97 -6.13
N ILE A 261 1.37 5.33 -5.84
CA ILE A 261 1.52 3.89 -6.03
C ILE A 261 1.33 3.17 -4.69
N ASP A 262 0.36 2.28 -4.65
CA ASP A 262 0.14 1.40 -3.51
C ASP A 262 0.45 -0.03 -4.00
N CYS A 263 1.54 -0.60 -3.50
CA CYS A 263 1.97 -1.92 -3.99
C CYS A 263 2.63 -2.66 -2.82
N ALA A 264 2.37 -3.97 -2.75
CA ALA A 264 2.77 -4.71 -1.55
C ALA A 264 3.00 -6.18 -1.88
N PHE A 265 3.90 -6.76 -1.06
CA PHE A 265 4.30 -8.14 -1.19
C PHE A 265 4.55 -8.76 0.20
N THR A 266 4.67 -10.11 0.19
CA THR A 266 4.91 -10.80 1.46
C THR A 266 6.30 -11.42 1.49
N VAL A 267 7.00 -11.28 2.60
CA VAL A 267 8.34 -11.80 2.86
C VAL A 267 8.27 -12.99 3.84
N THR A 268 8.93 -14.07 3.46
CA THR A 268 9.00 -15.25 4.35
C THR A 268 10.44 -15.79 4.23
N PHE A 269 10.79 -16.66 5.19
CA PHE A 269 12.10 -17.30 5.16
C PHE A 269 12.02 -18.81 5.26
N ASN A 270 10.91 -19.30 5.78
CA ASN A 270 10.61 -20.74 5.86
C ASN A 270 9.73 -21.12 4.70
N PRO A 271 10.10 -22.12 3.94
CA PRO A 271 9.38 -22.57 2.77
C PRO A 271 8.03 -23.20 3.05
N LYS A 272 7.66 -23.47 4.28
CA LYS A 272 6.35 -23.91 4.69
C LYS A 272 5.23 -22.96 4.24
N TYR A 273 5.48 -21.64 4.09
CA TYR A 273 4.40 -20.77 3.60
C TYR A 273 4.33 -20.65 2.10
N ASP A 274 5.11 -21.39 1.30
CA ASP A 274 5.17 -21.12 -0.15
C ASP A 274 3.81 -21.23 -0.83
N THR A 275 3.01 -22.27 -0.54
CA THR A 275 1.70 -22.36 -1.21
C THR A 275 0.73 -21.27 -0.81
N LEU A 276 0.77 -20.81 0.46
CA LEU A 276 -0.10 -19.71 0.88
C LEU A 276 0.27 -18.44 0.10
N LEU A 277 1.58 -18.24 -0.09
CA LEU A 277 1.99 -17.04 -0.87
C LEU A 277 1.55 -17.17 -2.30
N LYS A 278 1.68 -18.38 -2.89
CA LYS A 278 1.24 -18.58 -4.27
C LYS A 278 -0.26 -18.36 -4.41
N ALA A 279 -1.04 -18.81 -3.43
CA ALA A 279 -2.51 -18.65 -3.55
C ALA A 279 -2.84 -17.17 -3.69
N VAL A 280 -2.19 -16.38 -2.81
CA VAL A 280 -2.60 -14.96 -2.73
C VAL A 280 -2.08 -14.22 -3.96
N LYS A 281 -0.85 -14.51 -4.40
CA LYS A 281 -0.32 -13.92 -5.62
C LYS A 281 -1.18 -14.25 -6.83
N ASP A 282 -1.63 -15.49 -6.97
CA ASP A 282 -2.52 -15.89 -8.07
C ASP A 282 -3.87 -15.17 -7.97
N ALA A 283 -4.41 -15.01 -6.75
CA ALA A 283 -5.69 -14.31 -6.59
C ALA A 283 -5.54 -12.83 -6.97
N THR A 284 -4.43 -12.22 -6.58
CA THR A 284 -4.24 -10.78 -6.94
C THR A 284 -4.13 -10.65 -8.45
N ASN A 285 -3.39 -11.57 -9.07
CA ASN A 285 -3.25 -11.51 -10.55
C ASN A 285 -4.57 -11.77 -11.23
N THR A 286 -5.42 -12.63 -10.65
CA THR A 286 -6.76 -12.84 -11.20
C THR A 286 -7.61 -11.60 -11.10
N GLY A 287 -7.57 -10.87 -10.00
CA GLY A 287 -8.32 -9.60 -9.88
C GLY A 287 -7.80 -8.58 -10.89
N ILE A 288 -6.50 -8.49 -11.10
CA ILE A 288 -5.91 -7.60 -12.08
C ILE A 288 -6.36 -7.97 -13.51
N LYS A 289 -6.39 -9.27 -13.80
CA LYS A 289 -6.87 -9.65 -15.16
C LYS A 289 -8.34 -9.37 -15.37
N CYS A 290 -9.20 -9.51 -14.36
CA CYS A 290 -10.63 -9.32 -14.48
C CYS A 290 -11.01 -7.84 -14.60
N ALA A 291 -10.20 -6.99 -14.00
CA ALA A 291 -10.49 -5.55 -13.96
C ALA A 291 -10.54 -4.94 -15.36
N GLY A 292 -11.37 -3.90 -15.47
CA GLY A 292 -11.46 -3.22 -16.80
C GLY A 292 -12.59 -2.19 -16.77
N ILE A 293 -12.62 -1.35 -17.82
CA ILE A 293 -13.72 -0.36 -17.91
C ILE A 293 -15.04 -1.07 -18.10
N ASP A 294 -16.09 -0.72 -17.40
CA ASP A 294 -17.42 -1.28 -17.43
C ASP A 294 -17.53 -2.63 -16.73
N VAL A 295 -16.49 -3.10 -16.04
CA VAL A 295 -16.56 -4.34 -15.27
C VAL A 295 -17.20 -4.09 -13.92
N ARG A 296 -18.09 -4.95 -13.44
CA ARG A 296 -18.74 -4.76 -12.15
C ARG A 296 -17.74 -5.13 -11.03
N LEU A 297 -17.65 -4.28 -10.01
CA LEU A 297 -16.75 -4.62 -8.89
C LEU A 297 -17.10 -5.91 -8.21
N CYS A 298 -18.36 -6.33 -8.10
CA CYS A 298 -18.75 -7.60 -7.48
C CYS A 298 -18.22 -8.80 -8.24
N ASP A 299 -18.10 -8.69 -9.57
CA ASP A 299 -17.55 -9.75 -10.39
C ASP A 299 -16.04 -9.97 -10.14
N VAL A 300 -15.33 -8.89 -9.92
CA VAL A 300 -13.90 -8.99 -9.59
C VAL A 300 -13.76 -9.73 -8.25
N GLY A 301 -14.55 -9.33 -7.24
CA GLY A 301 -14.51 -10.06 -5.97
C GLY A 301 -14.77 -11.54 -6.11
N GLU A 302 -15.86 -11.90 -6.83
CA GLU A 302 -16.18 -13.32 -6.98
C GLU A 302 -15.02 -14.08 -7.64
N ALA A 303 -14.41 -13.49 -8.66
CA ALA A 303 -13.30 -14.08 -9.36
C ALA A 303 -12.07 -14.33 -8.47
N ILE A 304 -11.74 -13.29 -7.73
CA ILE A 304 -10.61 -13.41 -6.76
C ILE A 304 -10.87 -14.54 -5.79
N GLN A 305 -12.06 -14.65 -5.18
CA GLN A 305 -12.35 -15.64 -4.15
C GLN A 305 -12.29 -17.05 -4.76
N GLU A 306 -12.81 -17.18 -5.98
CA GLU A 306 -12.80 -18.50 -6.62
C GLU A 306 -11.38 -19.04 -6.79
N VAL A 307 -10.43 -18.21 -7.24
CA VAL A 307 -9.04 -18.64 -7.33
C VAL A 307 -8.42 -18.87 -5.97
N MET A 308 -8.63 -17.94 -5.04
CA MET A 308 -7.96 -18.09 -3.73
C MET A 308 -8.37 -19.37 -3.02
N GLU A 309 -9.65 -19.72 -3.08
CA GLU A 309 -10.21 -20.87 -2.39
C GLU A 309 -9.94 -22.17 -3.12
N SER A 310 -9.36 -22.09 -4.32
CA SER A 310 -8.92 -23.31 -5.00
C SER A 310 -7.62 -23.88 -4.43
N TYR A 311 -6.98 -23.20 -3.51
CA TYR A 311 -5.69 -23.56 -2.93
C TYR A 311 -5.87 -24.18 -1.54
N GLU A 312 -5.13 -25.25 -1.25
CA GLU A 312 -5.08 -25.85 0.07
C GLU A 312 -3.60 -25.89 0.47
N VAL A 313 -3.30 -25.58 1.75
CA VAL A 313 -1.92 -25.52 2.21
C VAL A 313 -1.70 -26.37 3.47
N GLU A 314 -0.47 -26.82 3.71
CA GLU A 314 -0.18 -27.58 4.92
C GLU A 314 0.99 -26.91 5.65
N ILE A 315 0.75 -26.49 6.89
CA ILE A 315 1.71 -25.73 7.69
C ILE A 315 1.79 -26.38 9.08
N ASP A 316 2.96 -26.91 9.43
CA ASP A 316 3.21 -27.56 10.70
C ASP A 316 2.21 -28.66 11.03
N GLY A 317 1.93 -29.49 10.03
CA GLY A 317 1.12 -30.70 10.25
C GLY A 317 -0.38 -30.43 10.21
N LYS A 318 -0.83 -29.21 9.89
CA LYS A 318 -2.26 -28.97 9.83
C LYS A 318 -2.62 -28.49 8.43
N THR A 319 -3.74 -28.91 7.87
CA THR A 319 -4.08 -28.43 6.52
C THR A 319 -5.15 -27.38 6.59
N TYR A 320 -5.17 -26.45 5.61
CA TYR A 320 -6.14 -25.39 5.54
C TYR A 320 -6.61 -25.11 4.13
N GLN A 321 -7.89 -24.77 3.89
CA GLN A 321 -8.25 -24.16 2.60
C GLN A 321 -8.03 -22.65 2.73
N VAL A 322 -7.29 -21.98 1.86
CA VAL A 322 -7.00 -20.56 2.01
C VAL A 322 -8.26 -19.71 1.90
N LYS A 323 -8.51 -18.80 2.85
CA LYS A 323 -9.71 -17.97 2.68
C LYS A 323 -9.34 -16.51 2.48
N PRO A 324 -10.04 -15.80 1.62
CA PRO A 324 -9.86 -14.37 1.50
C PRO A 324 -10.30 -13.69 2.81
N ILE A 325 -9.63 -12.59 3.19
CA ILE A 325 -10.09 -11.85 4.38
C ILE A 325 -11.25 -10.94 3.93
N ARG A 326 -12.46 -11.32 4.35
CA ARG A 326 -13.65 -10.77 3.71
C ARG A 326 -13.91 -9.31 3.99
N ASN A 327 -13.37 -8.74 5.07
CA ASN A 327 -13.56 -7.34 5.40
C ASN A 327 -12.33 -6.49 5.12
N LEU A 328 -11.44 -6.96 4.24
CA LEU A 328 -10.41 -6.15 3.62
C LEU A 328 -10.64 -6.10 2.10
N ASN A 329 -10.20 -5.03 1.46
CA ASN A 329 -10.61 -4.78 0.08
C ASN A 329 -9.56 -3.91 -0.64
N GLY A 330 -9.60 -3.93 -1.94
CA GLY A 330 -8.90 -2.95 -2.78
C GLY A 330 -9.75 -1.67 -2.86
N HIS A 331 -9.21 -0.69 -3.60
CA HIS A 331 -9.89 0.63 -3.49
C HIS A 331 -9.51 1.49 -4.68
N SER A 332 -10.41 2.36 -5.16
CA SER A 332 -9.94 3.38 -6.12
C SER A 332 -9.05 4.39 -5.38
N ILE A 333 -8.21 5.03 -6.16
CA ILE A 333 -7.20 5.99 -5.74
C ILE A 333 -7.45 7.35 -6.40
N GLY A 334 -7.39 8.41 -5.62
CA GLY A 334 -7.53 9.76 -6.19
C GLY A 334 -6.30 10.61 -5.86
N GLN A 335 -6.26 11.86 -6.38
CA GLN A 335 -5.06 12.67 -6.15
C GLN A 335 -4.94 13.04 -4.68
N TYR A 336 -3.81 12.68 -4.06
CA TYR A 336 -3.60 12.83 -2.63
C TYR A 336 -4.69 12.13 -1.81
N ARG A 337 -5.30 11.07 -2.35
CA ARG A 337 -6.40 10.41 -1.68
C ARG A 337 -6.29 8.89 -1.88
N ILE A 338 -5.60 8.24 -0.92
CA ILE A 338 -5.37 6.80 -1.06
C ILE A 338 -6.67 6.01 -1.18
N HIS A 339 -7.77 6.44 -0.58
CA HIS A 339 -9.05 5.75 -0.68
C HIS A 339 -10.11 6.69 -1.25
N ALA A 340 -10.34 6.61 -2.56
CA ALA A 340 -11.13 7.67 -3.21
C ALA A 340 -12.64 7.43 -3.18
N GLY A 341 -13.08 6.24 -2.80
CA GLY A 341 -14.49 6.03 -2.49
C GLY A 341 -15.05 4.72 -3.00
N LYS A 342 -14.50 4.11 -4.06
CA LYS A 342 -15.04 2.82 -4.49
C LYS A 342 -14.16 1.72 -3.90
N THR A 343 -14.77 0.57 -3.61
CA THR A 343 -13.98 -0.49 -2.99
C THR A 343 -14.04 -1.72 -3.89
N VAL A 344 -12.93 -2.48 -3.93
CA VAL A 344 -12.86 -3.70 -4.70
C VAL A 344 -12.89 -4.89 -3.73
N PRO A 345 -14.01 -5.59 -3.67
CA PRO A 345 -14.18 -6.72 -2.76
C PRO A 345 -13.30 -7.89 -3.16
N ILE A 346 -12.99 -8.75 -2.16
CA ILE A 346 -12.24 -9.95 -2.46
C ILE A 346 -13.01 -11.23 -2.18
N ILE A 347 -14.32 -11.09 -1.93
CA ILE A 347 -15.23 -12.21 -1.88
C ILE A 347 -16.48 -11.84 -2.69
N LYS A 348 -17.29 -12.87 -2.97
CA LYS A 348 -18.57 -12.62 -3.67
C LYS A 348 -19.54 -11.83 -2.78
N GLY A 349 -20.54 -11.20 -3.42
CA GLY A 349 -21.61 -10.57 -2.65
C GLY A 349 -21.58 -9.05 -2.56
N GLY A 350 -20.65 -8.39 -3.23
CA GLY A 350 -20.46 -6.95 -3.08
C GLY A 350 -21.31 -6.14 -4.06
N GLU A 351 -20.96 -4.88 -4.29
CA GLU A 351 -21.82 -4.03 -5.15
C GLU A 351 -21.56 -4.25 -6.62
N ALA A 352 -22.59 -4.09 -7.47
CA ALA A 352 -22.42 -4.16 -8.92
C ALA A 352 -22.06 -2.84 -9.55
N THR A 353 -21.64 -1.84 -8.78
CA THR A 353 -21.00 -0.64 -9.29
C THR A 353 -19.89 -0.97 -10.29
N ARG A 354 -19.81 -0.20 -11.38
CA ARG A 354 -18.83 -0.47 -12.42
C ARG A 354 -17.58 0.39 -12.28
N MET A 355 -16.44 -0.15 -12.70
CA MET A 355 -15.20 0.57 -12.92
C MET A 355 -15.31 1.47 -14.16
N GLU A 356 -14.70 2.64 -14.10
CA GLU A 356 -14.88 3.67 -15.15
C GLU A 356 -13.58 4.05 -15.80
N GLU A 357 -13.62 4.51 -17.05
CA GLU A 357 -12.44 4.96 -17.77
C GLU A 357 -11.74 6.09 -17.01
N GLY A 358 -10.41 6.07 -16.91
CA GLY A 358 -9.64 7.09 -16.20
C GLY A 358 -9.44 6.85 -14.71
N GLU A 359 -10.17 5.92 -14.11
CA GLU A 359 -9.98 5.62 -12.68
C GLU A 359 -8.67 4.86 -12.49
N VAL A 360 -8.21 4.87 -11.23
CA VAL A 360 -6.97 4.18 -10.86
C VAL A 360 -7.31 3.33 -9.63
N TYR A 361 -6.91 2.06 -9.60
CA TYR A 361 -7.27 1.18 -8.50
C TYR A 361 -6.03 0.51 -7.86
N ALA A 362 -6.13 0.31 -6.55
CA ALA A 362 -5.19 -0.64 -5.90
C ALA A 362 -5.94 -1.98 -5.85
N ILE A 363 -5.47 -2.96 -6.59
CA ILE A 363 -6.05 -4.31 -6.57
C ILE A 363 -5.20 -5.12 -5.56
N GLU A 364 -5.78 -5.37 -4.40
CA GLU A 364 -5.02 -6.03 -3.34
C GLU A 364 -5.82 -7.22 -2.88
N THR A 365 -5.12 -8.33 -2.56
CA THR A 365 -5.88 -9.42 -1.94
C THR A 365 -5.07 -9.93 -0.74
N PHE A 366 -5.83 -10.45 0.20
CA PHE A 366 -5.26 -10.98 1.45
C PHE A 366 -5.80 -12.39 1.65
N GLY A 367 -4.95 -13.32 2.06
CA GLY A 367 -5.40 -14.71 2.27
C GLY A 367 -5.10 -15.11 3.72
N SER A 368 -5.90 -15.95 4.35
CA SER A 368 -5.59 -16.30 5.76
C SER A 368 -5.84 -17.76 6.09
N THR A 369 -5.17 -18.29 7.07
CA THR A 369 -5.53 -19.62 7.63
C THR A 369 -6.49 -19.51 8.80
N GLY A 370 -6.91 -18.33 9.20
CA GLY A 370 -7.73 -18.10 10.39
C GLY A 370 -9.21 -18.02 10.05
N LYS A 371 -9.92 -17.07 10.63
CA LYS A 371 -11.34 -16.87 10.39
C LYS A 371 -11.65 -16.21 9.06
N GLY A 372 -10.65 -15.55 8.47
CA GLY A 372 -10.90 -14.76 7.27
C GLY A 372 -11.57 -13.44 7.56
N VAL A 373 -11.41 -12.91 8.77
CA VAL A 373 -11.96 -11.64 9.22
C VAL A 373 -10.91 -10.94 10.09
N VAL A 374 -10.71 -9.63 9.94
CA VAL A 374 -9.78 -8.95 10.84
C VAL A 374 -10.51 -8.01 11.81
N HIS A 375 -9.87 -7.81 12.95
CA HIS A 375 -10.32 -6.86 13.97
C HIS A 375 -9.20 -5.90 14.36
N ASP A 376 -9.57 -4.73 14.90
CA ASP A 376 -8.54 -3.82 15.42
C ASP A 376 -7.77 -4.43 16.60
N ASP A 377 -6.48 -4.30 16.60
CA ASP A 377 -5.65 -4.85 17.69
C ASP A 377 -4.33 -4.11 17.79
N MET A 378 -3.70 -4.18 18.95
CA MET A 378 -2.40 -3.59 19.24
C MET A 378 -2.44 -2.06 19.26
N GLU A 379 -1.28 -1.45 19.45
CA GLU A 379 -1.18 0.01 19.53
C GLU A 379 -1.34 0.61 18.15
N CYS A 380 -1.94 1.79 18.05
CA CYS A 380 -2.09 2.42 16.74
C CYS A 380 -0.84 3.20 16.34
N SER A 381 -0.42 3.08 15.08
CA SER A 381 0.72 3.82 14.57
C SER A 381 0.32 4.68 13.35
N HIS A 382 -0.68 4.29 12.59
CA HIS A 382 -1.07 4.98 11.34
C HIS A 382 -2.27 5.92 11.49
N TYR A 383 -2.17 7.16 10.96
CA TYR A 383 -3.19 8.20 11.09
C TYR A 383 -3.33 8.95 9.76
N MET A 384 -4.48 9.56 9.49
CA MET A 384 -4.60 10.32 8.24
C MET A 384 -5.73 11.33 8.38
N LYS A 385 -5.49 12.55 7.95
CA LYS A 385 -6.53 13.58 7.95
C LYS A 385 -7.74 13.15 7.16
N ASN A 386 -8.95 13.42 7.65
CA ASN A 386 -10.18 13.09 6.90
C ASN A 386 -10.22 14.00 5.70
N PHE A 387 -10.32 13.47 4.49
CA PHE A 387 -10.25 14.23 3.26
C PHE A 387 -11.36 15.26 3.13
N ASP A 388 -12.53 14.98 3.66
CA ASP A 388 -13.68 15.85 3.49
C ASP A 388 -13.80 16.94 4.55
N VAL A 389 -12.96 16.93 5.59
CA VAL A 389 -13.08 17.95 6.64
C VAL A 389 -12.36 19.21 6.16
N GLY A 390 -13.02 20.36 6.31
CA GLY A 390 -12.40 21.60 5.82
C GLY A 390 -11.47 22.17 6.89
N HIS A 391 -11.10 23.43 6.74
CA HIS A 391 -10.40 24.20 7.77
C HIS A 391 -11.20 24.32 9.05
N VAL A 392 -10.49 24.08 10.17
CA VAL A 392 -11.08 24.18 11.49
C VAL A 392 -10.14 25.02 12.37
N PRO A 393 -10.63 26.18 12.80
CA PRO A 393 -9.89 27.05 13.71
C PRO A 393 -9.63 26.39 15.05
N ILE A 394 -8.36 26.32 15.47
CA ILE A 394 -8.03 25.76 16.78
C ILE A 394 -7.23 26.75 17.62
N ARG A 395 -7.61 26.97 18.86
CA ARG A 395 -6.87 27.85 19.76
C ARG A 395 -5.99 27.09 20.75
N LEU A 396 -6.38 25.87 21.15
CA LEU A 396 -5.52 25.06 22.05
C LEU A 396 -4.11 24.94 21.46
N PRO A 397 -3.07 25.39 22.14
CA PRO A 397 -1.79 25.65 21.48
C PRO A 397 -1.11 24.43 20.91
N ARG A 398 -1.08 23.32 21.71
CA ARG A 398 -0.35 22.14 21.23
C ARG A 398 -1.10 21.43 20.11
N THR A 399 -2.44 21.43 20.21
CA THR A 399 -3.29 20.83 19.18
C THR A 399 -3.22 21.65 17.88
N LYS A 400 -3.26 22.97 18.01
CA LYS A 400 -3.08 23.85 16.82
C LYS A 400 -1.73 23.62 16.17
N HIS A 401 -0.63 23.59 16.94
CA HIS A 401 0.69 23.35 16.35
C HIS A 401 0.75 22.02 15.61
N LEU A 402 0.23 20.97 16.24
CA LEU A 402 0.32 19.65 15.58
C LEU A 402 -0.50 19.61 14.30
N LEU A 403 -1.71 20.19 14.30
CA LEU A 403 -2.46 20.23 13.05
C LEU A 403 -1.70 20.99 11.96
N ASN A 404 -1.04 22.10 12.35
CA ASN A 404 -0.22 22.82 11.34
C ASN A 404 0.90 21.95 10.81
N VAL A 405 1.60 21.21 11.67
CA VAL A 405 2.63 20.26 11.25
C VAL A 405 2.07 19.24 10.27
N ILE A 406 0.89 18.67 10.62
CA ILE A 406 0.31 17.70 9.66
C ILE A 406 -0.04 18.33 8.32
N ASN A 407 -0.66 19.53 8.34
CA ASN A 407 -1.07 20.18 7.10
C ASN A 407 0.15 20.50 6.25
N GLU A 408 1.25 20.93 6.83
CA GLU A 408 2.46 21.27 6.07
C GLU A 408 3.17 20.05 5.51
N ASN A 409 3.26 18.96 6.25
CA ASN A 409 4.11 17.84 5.88
C ASN A 409 3.36 16.72 5.19
N PHE A 410 2.09 16.51 5.57
CA PHE A 410 1.34 15.36 5.05
C PHE A 410 0.11 15.74 4.23
N GLY A 411 -0.54 16.87 4.51
CA GLY A 411 -1.84 17.20 3.90
C GLY A 411 -2.85 16.07 4.13
N THR A 412 -3.41 15.48 3.07
CA THR A 412 -4.33 14.37 3.23
C THR A 412 -3.69 13.00 3.01
N LEU A 413 -2.36 12.95 2.92
CA LEU A 413 -1.65 11.67 2.91
C LEU A 413 -1.48 11.10 4.32
N ALA A 414 -1.40 9.78 4.45
CA ALA A 414 -1.26 9.15 5.77
C ALA A 414 0.14 9.38 6.34
N PHE A 415 0.24 9.29 7.67
CA PHE A 415 1.51 9.41 8.37
C PHE A 415 1.55 8.47 9.56
N CYS A 416 2.70 8.36 10.21
CA CYS A 416 2.77 7.58 11.45
C CYS A 416 3.46 8.38 12.56
N ARG A 417 3.47 7.80 13.78
CA ARG A 417 4.10 8.51 14.90
C ARG A 417 5.61 8.66 14.70
N ARG A 418 6.30 7.68 14.11
CA ARG A 418 7.73 7.83 13.84
C ARG A 418 8.05 9.04 12.96
N TRP A 419 7.17 9.32 12.01
CA TRP A 419 7.34 10.50 11.13
C TRP A 419 7.10 11.81 11.88
N LEU A 420 6.31 11.85 12.94
CA LEU A 420 6.25 13.08 13.76
C LEU A 420 7.53 13.20 14.58
N ASP A 421 8.04 12.09 15.14
CA ASP A 421 9.26 12.13 15.95
C ASP A 421 10.43 12.68 15.15
N ARG A 422 10.55 12.30 13.88
CA ARG A 422 11.61 12.67 12.98
C ARG A 422 11.61 14.18 12.69
N LEU A 423 10.46 14.82 12.79
CA LEU A 423 10.34 16.26 12.60
C LEU A 423 10.61 17.03 13.88
N GLY A 424 11.04 16.36 14.93
CA GLY A 424 11.39 16.99 16.19
C GLY A 424 10.20 17.22 17.11
N GLU A 425 9.03 16.64 16.80
CA GLU A 425 7.89 16.80 17.68
C GLU A 425 8.01 15.88 18.89
N SER A 426 7.59 16.31 20.07
CA SER A 426 7.49 15.41 21.22
C SER A 426 6.32 15.78 22.12
N LYS A 427 5.90 14.85 22.96
CA LYS A 427 4.73 15.12 23.82
C LYS A 427 3.54 15.51 22.95
N TYR A 428 3.26 14.77 21.87
CA TYR A 428 2.18 15.18 20.98
C TYR A 428 0.99 14.24 21.10
N LEU A 429 1.05 13.22 21.96
CA LEU A 429 0.04 12.16 21.83
C LEU A 429 -1.33 12.67 22.24
N MET A 430 -1.36 13.59 23.26
CA MET A 430 -2.69 14.11 23.60
C MET A 430 -3.22 15.04 22.52
N ALA A 431 -2.38 15.88 21.91
CA ALA A 431 -2.84 16.69 20.78
C ALA A 431 -3.35 15.81 19.64
N LEU A 432 -2.64 14.70 19.39
CA LEU A 432 -3.10 13.78 18.35
C LEU A 432 -4.44 13.15 18.67
N LYS A 433 -4.64 12.73 19.92
CA LYS A 433 -5.95 12.24 20.35
C LYS A 433 -7.02 13.30 20.16
N ASN A 434 -6.75 14.56 20.54
CA ASN A 434 -7.72 15.63 20.33
C ASN A 434 -8.19 15.78 18.88
N LEU A 435 -7.23 15.75 17.93
CA LEU A 435 -7.58 15.81 16.52
C LEU A 435 -8.37 14.57 16.07
N CYS A 436 -8.16 13.44 16.74
CA CYS A 436 -8.94 12.25 16.34
C CYS A 436 -10.36 12.38 16.88
N ASP A 437 -10.48 12.86 18.12
CA ASP A 437 -11.79 13.01 18.77
C ASP A 437 -12.62 14.09 18.11
N LEU A 438 -11.99 15.11 17.54
CA LEU A 438 -12.63 16.14 16.74
C LEU A 438 -13.03 15.63 15.35
N GLY A 439 -12.57 14.47 14.93
CA GLY A 439 -12.82 13.93 13.62
C GLY A 439 -12.02 14.61 12.51
N ILE A 440 -11.02 15.41 12.85
CA ILE A 440 -10.13 16.02 11.87
C ILE A 440 -9.15 14.97 11.32
N VAL A 441 -8.63 14.15 12.19
CA VAL A 441 -7.76 13.03 11.84
C VAL A 441 -8.45 11.70 12.20
N ASP A 442 -8.22 10.68 11.40
CA ASP A 442 -8.69 9.33 11.77
C ASP A 442 -7.51 8.41 12.07
N PRO A 443 -7.64 7.59 13.11
CA PRO A 443 -6.68 6.55 13.43
C PRO A 443 -6.98 5.29 12.63
N TYR A 444 -5.93 4.60 12.20
CA TYR A 444 -6.06 3.31 11.49
C TYR A 444 -5.23 2.26 12.20
N PRO A 445 -5.79 1.56 13.19
CA PRO A 445 -5.02 0.61 13.97
C PRO A 445 -4.70 -0.65 13.18
N PRO A 446 -3.73 -1.45 13.61
CA PRO A 446 -3.45 -2.73 12.97
C PRO A 446 -4.71 -3.61 12.96
N LEU A 447 -4.78 -4.38 11.86
CA LEU A 447 -5.95 -5.24 11.59
C LEU A 447 -5.47 -6.68 11.55
N CYS A 448 -5.98 -7.48 12.49
CA CYS A 448 -5.40 -8.82 12.68
C CYS A 448 -6.49 -9.88 12.70
N ASP A 449 -6.14 -11.06 12.17
CA ASP A 449 -7.05 -12.24 12.35
C ASP A 449 -6.73 -12.90 13.68
N ILE A 450 -7.33 -14.06 13.96
CA ILE A 450 -7.17 -14.67 15.28
C ILE A 450 -5.76 -15.13 15.61
N LYS A 451 -5.50 -15.24 16.90
CA LYS A 451 -4.18 -15.70 17.36
C LYS A 451 -3.80 -17.03 16.74
N GLY A 452 -2.56 -17.17 16.30
CA GLY A 452 -2.08 -18.40 15.65
C GLY A 452 -2.35 -18.53 14.15
N SER A 453 -3.05 -17.59 13.53
CA SER A 453 -3.32 -17.68 12.09
C SER A 453 -2.22 -16.97 11.28
N TYR A 454 -2.18 -17.32 9.98
CA TYR A 454 -1.16 -16.74 9.09
C TYR A 454 -1.86 -15.98 7.97
N THR A 455 -1.40 -14.76 7.68
CA THR A 455 -2.02 -13.97 6.61
C THR A 455 -0.98 -13.54 5.58
N ALA A 456 -1.35 -13.43 4.30
CA ALA A 456 -0.42 -12.99 3.23
C ALA A 456 -1.13 -11.97 2.31
N GLN A 457 -0.34 -11.09 1.68
CA GLN A 457 -0.92 -9.99 0.89
C GLN A 457 -0.06 -9.78 -0.38
N PHE A 458 -0.70 -9.56 -1.52
CA PHE A 458 -0.04 -9.02 -2.71
C PHE A 458 -0.91 -7.92 -3.32
N GLU A 459 -0.26 -6.86 -3.83
CA GLU A 459 -1.09 -5.72 -4.32
C GLU A 459 -0.36 -5.05 -5.49
N HIS A 460 -1.11 -4.54 -6.46
CA HIS A 460 -0.59 -3.65 -7.49
C HIS A 460 -1.53 -2.47 -7.71
N THR A 461 -0.97 -1.38 -8.26
CA THR A 461 -1.77 -0.22 -8.74
C THR A 461 -1.97 -0.35 -10.26
N ILE A 462 -3.24 -0.19 -10.72
CA ILE A 462 -3.53 -0.27 -12.15
C ILE A 462 -4.18 1.05 -12.59
N LEU A 463 -3.87 1.43 -13.85
CA LEU A 463 -4.51 2.63 -14.42
C LEU A 463 -5.50 2.22 -15.50
N LEU A 464 -6.74 2.66 -15.47
CA LEU A 464 -7.71 2.31 -16.53
C LEU A 464 -7.63 3.42 -17.61
N ARG A 465 -6.61 3.30 -18.42
CA ARG A 465 -6.39 4.32 -19.48
C ARG A 465 -7.42 4.10 -20.59
N PRO A 466 -7.68 5.13 -21.38
CA PRO A 466 -8.55 5.00 -22.53
C PRO A 466 -8.12 3.93 -23.50
N THR A 467 -6.84 3.69 -23.77
CA THR A 467 -6.43 2.72 -24.77
C THR A 467 -6.07 1.34 -24.24
N CYS A 468 -5.99 1.17 -22.92
CA CYS A 468 -5.50 -0.09 -22.38
C CYS A 468 -5.46 0.01 -20.83
N LYS A 469 -5.28 -1.15 -20.23
CA LYS A 469 -5.15 -1.24 -18.76
C LYS A 469 -3.65 -1.33 -18.51
N GLU A 470 -3.07 -0.46 -17.67
CA GLU A 470 -1.65 -0.56 -17.37
C GLU A 470 -1.46 -0.96 -15.90
N VAL A 471 -0.77 -2.06 -15.70
CA VAL A 471 -0.36 -2.53 -14.36
C VAL A 471 0.95 -1.80 -14.11
N VAL A 472 0.80 -0.56 -13.59
CA VAL A 472 1.91 0.40 -13.60
C VAL A 472 3.03 0.01 -12.66
N SER A 473 2.68 -0.70 -11.55
CA SER A 473 3.69 -1.15 -10.59
C SER A 473 4.19 -2.57 -10.83
N ARG A 474 3.89 -3.20 -11.95
CA ARG A 474 4.40 -4.55 -12.24
C ARG A 474 5.91 -4.55 -12.33
N GLY A 475 6.58 -5.59 -11.82
CA GLY A 475 8.03 -5.65 -12.03
C GLY A 475 8.42 -7.03 -12.57
N ASP A 476 9.72 -7.30 -12.52
CA ASP A 476 10.19 -8.64 -12.92
C ASP A 476 10.16 -9.59 -11.74
N ASP A 477 9.83 -9.05 -10.56
CA ASP A 477 9.68 -9.78 -9.31
C ASP A 477 8.25 -10.27 -9.06
N TYR A 478 7.24 -9.41 -9.16
CA TYR A 478 5.85 -9.85 -9.04
C TYR A 478 4.96 -8.85 -9.77
CO CO B . -1.17 -1.03 0.24
CO CO C . -4.14 -0.49 -0.61
O TBU D . -2.48 4.18 5.13
C TBU D . -3.84 3.93 5.56
C1 TBU D . -3.62 3.15 6.86
C2 TBU D . -4.72 5.15 5.87
C3 TBU D . -4.60 3.06 4.54
O TBU E . -3.96 6.83 18.98
C TBU E . -4.22 7.94 19.88
C1 TBU E . -3.60 7.46 21.20
C2 TBU E . -3.58 9.29 19.55
C3 TBU E . -5.76 8.15 19.99
#